data_5JNW
#
_entry.id   5JNW
#
_cell.length_a   60.347
_cell.length_b   125.493
_cell.length_c   45.251
_cell.angle_alpha   90.000
_cell.angle_beta   90.000
_cell.angle_gamma   90.000
#
_symmetry.space_group_name_H-M   'C 2 2 21'
#
loop_
_entity.id
_entity.type
_entity.pdbx_description
1 polymer 'Low molecular weight phosphotyrosine protein phosphatase'
2 non-polymer 'VANADATE ION'
3 non-polymer 2-(4-{[3-(piperidin-1-yl)propyl]amino}quinolin-2-yl)benzonitrile
4 water water
#
_entity_poly.entity_id   1
_entity_poly.type   'polypeptide(L)'
_entity_poly.pdbx_seq_one_letter_code
;GSAEQVTKSVLFVCLGNICRSPIAEAVFRKLVTDQNISDNWVIDSGAVSDYEVGRSPDPRAVSCLRNHGINTAHKARQVT
KEDFVTFDYILCMDESNLRDLNRKSNQVKNCRAKIELLGSYDPQKQLIIEDPYYGNDADFETVYQQCVRCCRAFLEKVR
;
_entity_poly.pdbx_strand_id   A
#
loop_
_chem_comp.id
_chem_comp.type
_chem_comp.name
_chem_comp.formula
6LJ non-polymer 2-(4-{[3-(piperidin-1-yl)propyl]amino}quinolin-2-yl)benzonitrile 'C24 H26 N4'
VO4 non-polymer 'VANADATE ION' 'O4 V -3'
#
# COMPACT_ATOMS: atom_id res chain seq x y z
N VAL A 6 -15.37 11.67 -11.94
CA VAL A 6 -15.49 10.19 -11.74
C VAL A 6 -14.47 9.78 -10.65
N THR A 7 -15.01 9.22 -9.56
CA THR A 7 -14.33 8.56 -8.45
C THR A 7 -13.32 7.59 -8.88
N LYS A 8 -12.17 7.56 -8.18
CA LYS A 8 -11.06 6.59 -8.46
C LYS A 8 -10.76 5.77 -7.20
N SER A 9 -10.00 4.71 -7.40
CA SER A 9 -9.80 3.68 -6.43
C SER A 9 -8.34 3.17 -6.50
N VAL A 10 -7.73 3.05 -5.32
CA VAL A 10 -6.40 2.50 -5.20
C VAL A 10 -6.36 1.50 -4.04
N LEU A 11 -5.58 0.41 -4.22
CA LEU A 11 -5.33 -0.65 -3.26
C LEU A 11 -3.79 -0.78 -3.13
N PHE A 12 -3.27 -0.56 -1.90
CA PHE A 12 -1.80 -0.65 -1.60
C PHE A 12 -1.59 -2.07 -1.14
N VAL A 13 -0.49 -2.71 -1.58
CA VAL A 13 -0.23 -4.10 -1.16
C VAL A 13 1.23 -4.33 -0.80
N CYS A 14 1.42 -5.31 0.14
CA CYS A 14 2.72 -5.91 0.56
C CYS A 14 2.55 -7.31 0.95
N LEU A 15 3.63 -7.96 1.45
CA LEU A 15 3.58 -9.43 1.84
C LEU A 15 2.46 -9.70 2.89
N GLY A 16 2.55 -9.01 4.03
CA GLY A 16 1.74 -9.30 5.20
C GLY A 16 0.56 -8.37 5.57
N ASN A 17 0.44 -7.23 4.89
CA ASN A 17 -0.42 -6.13 5.34
C ASN A 17 -0.42 -5.71 6.78
N ILE A 18 0.83 -5.64 7.42
CA ILE A 18 1.02 -5.18 8.83
C ILE A 18 2.05 -4.07 8.97
N CYS A 19 2.94 -3.92 7.97
CA CYS A 19 3.96 -2.87 8.02
C CYS A 19 3.80 -1.81 6.91
N ARG A 20 4.29 -2.13 5.71
CA ARG A 20 4.36 -1.12 4.57
C ARG A 20 3.00 -0.66 4.03
N SER A 21 2.17 -1.57 3.56
CA SER A 21 0.90 -1.11 2.98
C SER A 21 -0.12 -0.43 3.92
N PRO A 22 -0.22 -0.78 5.26
CA PRO A 22 -1.04 0.06 6.05
C PRO A 22 -0.50 1.48 6.22
N ILE A 23 0.88 1.59 6.19
CA ILE A 23 1.46 2.93 6.09
C ILE A 23 1.19 3.74 4.81
N ALA A 24 1.35 3.07 3.66
CA ALA A 24 1.12 3.72 2.42
C ALA A 24 -0.38 4.18 2.34
N GLU A 25 -1.28 3.31 2.83
CA GLU A 25 -2.76 3.58 2.77
C GLU A 25 -3.08 4.80 3.62
N ALA A 26 -2.53 4.80 4.80
CA ALA A 26 -2.73 5.88 5.78
C ALA A 26 -2.19 7.31 5.32
N VAL A 27 -1.03 7.26 4.69
CA VAL A 27 -0.34 8.40 4.09
C VAL A 27 -1.23 8.95 2.93
N PHE A 28 -1.60 8.09 1.97
CA PHE A 28 -2.47 8.52 0.92
C PHE A 28 -3.80 9.12 1.36
N ARG A 29 -4.40 8.45 2.35
CA ARG A 29 -5.67 8.94 2.93
C ARG A 29 -5.52 10.38 3.54
N LYS A 30 -4.38 10.55 4.28
CA LYS A 30 -4.12 11.95 4.91
C LYS A 30 -3.95 12.99 3.77
N LEU A 31 -3.24 12.59 2.69
CA LEU A 31 -3.08 13.50 1.56
C LEU A 31 -4.38 13.97 0.86
N VAL A 32 -5.22 12.98 0.50
CA VAL A 32 -6.50 13.33 -0.12
C VAL A 32 -7.44 14.14 0.79
N THR A 33 -7.49 13.79 2.04
CA THR A 33 -8.21 14.55 3.04
C THR A 33 -7.65 15.93 3.15
N ASP A 34 -6.37 16.05 3.34
CA ASP A 34 -5.76 17.43 3.37
C ASP A 34 -6.14 18.28 2.13
N GLN A 35 -6.21 17.64 0.95
CA GLN A 35 -6.56 18.33 -0.26
C GLN A 35 -8.08 18.44 -0.52
N ASN A 36 -8.93 18.06 0.42
CA ASN A 36 -10.37 18.16 0.38
C ASN A 36 -10.96 17.43 -0.82
N ILE A 37 -10.34 16.30 -1.14
CA ILE A 37 -10.82 15.43 -2.25
C ILE A 37 -11.13 13.96 -1.87
N SER A 38 -11.39 13.72 -0.58
CA SER A 38 -11.57 12.29 -0.19
C SER A 38 -12.85 11.68 -0.71
N ASP A 39 -13.82 12.55 -1.08
CA ASP A 39 -15.05 12.13 -1.76
C ASP A 39 -14.84 11.49 -3.12
N ASN A 40 -13.74 11.81 -3.82
CA ASN A 40 -13.45 11.27 -5.08
C ASN A 40 -12.57 10.05 -5.09
N TRP A 41 -12.27 9.46 -3.89
CA TRP A 41 -11.34 8.30 -3.77
C TRP A 41 -11.91 7.19 -2.87
N VAL A 42 -11.78 5.94 -3.33
CA VAL A 42 -11.88 4.73 -2.53
C VAL A 42 -10.46 4.16 -2.29
N ILE A 43 -10.07 3.93 -1.01
CA ILE A 43 -8.73 3.55 -0.70
C ILE A 43 -8.72 2.38 0.24
N ASP A 44 -7.79 1.43 0.03
CA ASP A 44 -7.70 0.28 0.93
C ASP A 44 -6.25 -0.26 0.85
N SER A 45 -5.97 -1.33 1.61
CA SER A 45 -4.63 -2.00 1.65
C SER A 45 -4.92 -3.54 1.82
N GLY A 46 -4.00 -4.32 1.26
CA GLY A 46 -4.10 -5.81 1.17
C GLY A 46 -2.85 -6.53 1.18
N ALA A 47 -2.92 -7.83 1.55
CA ALA A 47 -1.71 -8.72 1.56
C ALA A 47 -1.74 -9.72 0.41
N VAL A 48 -0.52 -10.06 -0.06
CA VAL A 48 -0.40 -11.23 -0.95
C VAL A 48 -0.67 -12.50 -0.10
N SER A 49 0.02 -12.56 1.09
N SER A 49 -0.14 -12.66 1.10
CA SER A 49 0.10 -13.70 2.14
CA SER A 49 -0.55 -13.87 1.82
C SER A 49 -0.89 -13.75 3.27
C SER A 49 -1.85 -13.78 2.51
N ASP A 50 -1.07 -15.01 3.77
N ASP A 50 -2.48 -14.91 2.65
CA ASP A 50 -1.69 -15.60 5.00
CA ASP A 50 -3.59 -14.96 3.50
C ASP A 50 -1.26 -15.13 6.40
C ASP A 50 -3.19 -15.13 4.98
N TYR A 51 0.00 -14.74 6.51
N TYR A 51 -1.90 -15.07 5.30
CA TYR A 51 0.69 -14.76 7.81
CA TYR A 51 -1.49 -15.54 6.66
C TYR A 51 0.06 -13.97 8.92
C TYR A 51 -1.76 -14.61 7.88
N GLU A 52 -0.57 -12.81 8.58
N GLU A 52 -1.46 -13.31 7.76
CA GLU A 52 -1.23 -11.88 9.52
CA GLU A 52 -1.35 -12.37 8.95
C GLU A 52 -2.79 -11.57 9.38
C GLU A 52 -2.71 -11.83 9.39
N VAL A 53 -3.61 -12.38 8.65
CA VAL A 53 -4.94 -12.11 8.57
C VAL A 53 -5.66 -11.78 9.93
N GLY A 54 -6.36 -10.66 9.86
CA GLY A 54 -7.14 -10.09 10.99
C GLY A 54 -6.36 -9.22 11.98
N ARG A 55 -5.03 -9.11 11.89
CA ARG A 55 -4.31 -8.40 12.87
C ARG A 55 -4.23 -6.89 12.53
N SER A 56 -4.02 -6.05 13.55
CA SER A 56 -3.78 -4.67 13.43
C SER A 56 -2.30 -4.49 13.02
N PRO A 57 -1.95 -3.24 12.54
CA PRO A 57 -0.55 -3.03 12.11
C PRO A 57 0.47 -3.18 13.28
N ASP A 58 1.70 -3.56 12.86
CA ASP A 58 2.82 -3.62 13.74
C ASP A 58 2.96 -2.37 14.71
N PRO A 59 3.24 -2.60 15.96
CA PRO A 59 3.46 -1.44 16.86
C PRO A 59 4.36 -0.32 16.34
N ARG A 60 5.39 -0.70 15.61
CA ARG A 60 6.37 0.16 15.00
C ARG A 60 5.76 1.07 13.94
N ALA A 61 4.78 0.54 13.20
CA ALA A 61 4.03 1.31 12.21
C ALA A 61 3.06 2.22 12.85
N VAL A 62 2.43 1.80 13.91
CA VAL A 62 1.58 2.60 14.68
C VAL A 62 2.33 3.79 15.24
N SER A 63 3.45 3.52 15.91
CA SER A 63 4.19 4.66 16.57
C SER A 63 4.75 5.63 15.48
N CYS A 64 5.34 5.03 14.39
CA CYS A 64 5.80 5.91 13.26
C CYS A 64 4.69 6.87 12.77
N LEU A 65 3.55 6.31 12.40
CA LEU A 65 2.35 7.09 11.99
C LEU A 65 1.93 8.21 13.00
N ARG A 66 1.87 7.82 14.26
CA ARG A 66 1.63 8.76 15.39
C ARG A 66 2.64 9.97 15.42
N ASN A 67 3.92 9.70 15.21
CA ASN A 67 4.95 10.69 15.09
C ASN A 67 4.67 11.74 14.03
N HIS A 68 3.86 11.40 13.00
CA HIS A 68 3.48 12.27 11.95
C HIS A 68 1.98 12.71 11.95
N GLY A 69 1.35 12.48 13.06
CA GLY A 69 0.00 12.85 13.35
C GLY A 69 -1.09 12.00 12.64
N ILE A 70 -0.82 10.73 12.37
CA ILE A 70 -1.69 9.81 11.56
C ILE A 70 -1.96 8.54 12.39
N ASN A 71 -3.22 8.08 12.34
CA ASN A 71 -3.77 6.87 13.00
C ASN A 71 -4.35 5.98 11.93
N THR A 72 -4.32 4.65 12.16
CA THR A 72 -5.07 3.71 11.27
C THR A 72 -5.95 2.72 11.99
N ALA A 73 -7.11 2.31 11.41
CA ALA A 73 -7.96 1.32 11.99
C ALA A 73 -8.00 0.02 11.14
N HIS A 74 -6.93 -0.23 10.32
CA HIS A 74 -7.03 -1.30 9.40
C HIS A 74 -6.77 -2.71 10.04
N LYS A 75 -7.39 -3.74 9.50
CA LYS A 75 -7.13 -5.07 9.93
C LYS A 75 -6.56 -5.77 8.68
N ALA A 76 -5.56 -6.61 8.88
CA ALA A 76 -4.99 -7.26 7.78
C ALA A 76 -5.96 -8.14 6.91
N ARG A 77 -5.89 -7.95 5.57
CA ARG A 77 -6.65 -8.80 4.67
C ARG A 77 -5.93 -9.23 3.42
N GLN A 78 -6.28 -10.42 2.93
CA GLN A 78 -5.62 -10.94 1.66
C GLN A 78 -6.30 -10.37 0.43
N VAL A 79 -5.50 -10.18 -0.62
CA VAL A 79 -6.05 -9.74 -1.89
C VAL A 79 -6.83 -10.91 -2.51
N THR A 80 -7.87 -10.56 -3.22
CA THR A 80 -8.87 -11.45 -3.86
C THR A 80 -9.02 -11.18 -5.36
N LYS A 81 -9.69 -12.09 -6.12
CA LYS A 81 -9.83 -11.88 -7.57
C LYS A 81 -10.68 -10.70 -7.85
N GLU A 82 -11.67 -10.47 -7.01
CA GLU A 82 -12.58 -9.37 -7.24
C GLU A 82 -11.79 -7.96 -7.19
N ASP A 83 -10.74 -7.93 -6.39
CA ASP A 83 -9.84 -6.68 -6.15
C ASP A 83 -9.29 -6.26 -7.54
N PHE A 84 -8.88 -7.26 -8.35
CA PHE A 84 -8.39 -6.97 -9.72
C PHE A 84 -9.40 -6.37 -10.68
N VAL A 85 -10.68 -6.64 -10.40
CA VAL A 85 -11.76 -5.96 -11.15
C VAL A 85 -12.20 -4.67 -10.52
N THR A 86 -12.24 -4.61 -9.18
CA THR A 86 -12.69 -3.39 -8.47
C THR A 86 -11.78 -2.21 -8.52
N PHE A 87 -10.48 -2.40 -8.33
CA PHE A 87 -9.57 -1.21 -8.23
C PHE A 87 -9.01 -0.67 -9.51
N ASP A 88 -8.99 0.67 -9.63
CA ASP A 88 -8.28 1.28 -10.78
C ASP A 88 -6.71 0.98 -10.72
N TYR A 89 -6.12 1.16 -9.53
CA TYR A 89 -4.64 0.93 -9.43
C TYR A 89 -4.40 0.00 -8.26
N ILE A 90 -3.46 -0.91 -8.44
CA ILE A 90 -2.92 -1.71 -7.40
C ILE A 90 -1.37 -1.43 -7.27
N LEU A 91 -0.98 -0.74 -6.21
CA LEU A 91 0.40 -0.30 -6.02
C LEU A 91 1.10 -1.13 -4.94
N CYS A 92 2.19 -1.81 -5.29
CA CYS A 92 2.89 -2.74 -4.42
C CYS A 92 4.37 -2.26 -4.10
N MET A 93 5.00 -2.88 -3.15
CA MET A 93 6.21 -2.37 -2.60
C MET A 93 7.51 -2.88 -3.23
N ASP A 94 7.55 -4.20 -3.61
CA ASP A 94 8.75 -4.80 -4.08
C ASP A 94 8.48 -5.81 -5.19
N GLU A 95 9.60 -6.28 -5.77
N GLU A 95 9.59 -6.30 -5.72
CA GLU A 95 9.55 -7.10 -7.00
CA GLU A 95 9.58 -7.04 -6.96
C GLU A 95 8.86 -8.44 -6.79
C GLU A 95 8.91 -8.42 -6.80
N SER A 96 9.01 -9.04 -5.61
CA SER A 96 8.28 -10.28 -5.26
C SER A 96 6.75 -10.02 -5.32
N ASN A 97 6.35 -8.86 -4.73
CA ASN A 97 4.96 -8.55 -4.66
C ASN A 97 4.41 -8.43 -6.10
N LEU A 98 5.12 -7.67 -6.94
CA LEU A 98 4.78 -7.46 -8.28
C LEU A 98 4.61 -8.79 -9.08
N ARG A 99 5.57 -9.64 -8.91
CA ARG A 99 5.53 -10.96 -9.58
C ARG A 99 4.27 -11.73 -9.18
N ASP A 100 4.02 -11.76 -7.84
CA ASP A 100 2.93 -12.47 -7.25
C ASP A 100 1.55 -11.97 -7.76
N LEU A 101 1.42 -10.65 -7.69
CA LEU A 101 0.26 -9.95 -8.22
C LEU A 101 -0.03 -10.18 -9.70
N ASN A 102 1.05 -10.16 -10.51
CA ASN A 102 0.88 -10.28 -11.95
C ASN A 102 0.41 -11.71 -12.29
N ARG A 103 1.05 -12.70 -11.66
CA ARG A 103 0.61 -14.12 -11.74
C ARG A 103 -0.87 -14.28 -11.37
N LYS A 104 -1.28 -13.88 -10.18
CA LYS A 104 -2.70 -13.91 -9.82
C LYS A 104 -3.64 -13.18 -10.77
N SER A 105 -3.19 -12.05 -11.36
CA SER A 105 -4.15 -11.27 -12.17
C SER A 105 -4.53 -12.09 -13.47
N ASN A 106 -3.65 -12.95 -13.92
CA ASN A 106 -3.91 -13.81 -15.12
C ASN A 106 -5.06 -14.77 -15.06
N GLN A 107 -5.40 -15.28 -13.89
CA GLN A 107 -6.56 -16.15 -13.69
C GLN A 107 -7.86 -15.33 -13.56
N VAL A 108 -7.78 -14.01 -13.72
CA VAL A 108 -8.96 -13.14 -13.55
C VAL A 108 -9.31 -12.56 -14.85
N LYS A 109 -10.51 -12.86 -15.26
CA LYS A 109 -10.80 -12.86 -16.62
C LYS A 109 -11.04 -11.41 -17.12
N ASN A 110 -11.73 -10.60 -16.32
CA ASN A 110 -11.94 -9.19 -16.66
C ASN A 110 -11.11 -8.36 -15.64
N CYS A 111 -9.82 -8.67 -15.53
CA CYS A 111 -8.86 -7.80 -14.79
C CYS A 111 -8.86 -6.39 -15.37
N ARG A 112 -9.09 -5.34 -14.54
CA ARG A 112 -9.08 -3.96 -15.00
C ARG A 112 -7.88 -3.13 -14.35
N ALA A 113 -7.46 -3.51 -13.18
CA ALA A 113 -6.37 -2.69 -12.40
C ALA A 113 -5.10 -2.59 -13.10
N LYS A 114 -4.45 -1.43 -12.99
CA LYS A 114 -3.06 -1.36 -13.42
C LYS A 114 -2.18 -1.66 -12.24
N ILE A 115 -1.23 -2.57 -12.41
CA ILE A 115 -0.49 -3.09 -11.32
C ILE A 115 0.93 -2.57 -11.46
N GLU A 116 1.45 -1.83 -10.49
CA GLU A 116 2.72 -1.10 -10.58
C GLU A 116 3.42 -1.01 -9.21
N LEU A 117 4.73 -0.85 -9.19
CA LEU A 117 5.49 -0.48 -7.99
C LEU A 117 5.19 0.96 -7.54
N LEU A 118 4.81 1.12 -6.28
CA LEU A 118 4.62 2.49 -5.69
C LEU A 118 5.88 3.33 -5.96
N GLY A 119 7.08 2.68 -5.80
CA GLY A 119 8.40 3.30 -5.94
C GLY A 119 8.64 3.88 -7.31
N SER A 120 7.94 3.40 -8.32
CA SER A 120 8.08 3.90 -9.69
C SER A 120 7.65 5.37 -9.84
N TYR A 121 6.88 5.85 -8.84
CA TYR A 121 6.49 7.22 -8.78
C TYR A 121 7.43 8.14 -7.96
N ASP A 122 8.46 7.62 -7.26
CA ASP A 122 9.40 8.41 -6.42
C ASP A 122 10.21 9.41 -7.29
N PRO A 123 10.16 10.77 -6.98
CA PRO A 123 11.03 11.61 -7.81
C PRO A 123 12.50 11.28 -7.53
N GLN A 124 12.81 10.74 -6.36
CA GLN A 124 14.16 10.42 -5.88
C GLN A 124 14.67 8.99 -6.39
N LYS A 125 13.83 8.29 -7.07
CA LYS A 125 14.13 7.08 -7.76
C LYS A 125 14.57 5.87 -6.90
N GLN A 126 14.08 5.85 -5.65
CA GLN A 126 14.30 4.73 -4.79
C GLN A 126 13.17 3.69 -5.05
N LEU A 127 13.36 2.93 -6.13
CA LEU A 127 12.32 2.17 -6.70
C LEU A 127 11.72 1.10 -5.72
N ILE A 128 12.53 0.48 -4.91
CA ILE A 128 12.19 -0.61 -3.93
C ILE A 128 11.87 -0.03 -2.51
N ILE A 129 10.66 -0.41 -1.99
CA ILE A 129 10.22 -0.14 -0.58
C ILE A 129 10.44 -1.48 0.19
N GLU A 130 11.55 -1.58 0.96
CA GLU A 130 12.02 -2.89 1.49
C GLU A 130 11.30 -3.23 2.79
N ASP A 131 10.96 -4.51 2.95
CA ASP A 131 10.26 -5.06 4.11
C ASP A 131 11.03 -4.81 5.44
N PRO A 132 10.46 -3.98 6.25
CA PRO A 132 11.12 -3.56 7.53
C PRO A 132 10.79 -4.47 8.75
N TYR A 133 10.18 -5.66 8.48
CA TYR A 133 9.73 -6.48 9.67
C TYR A 133 10.87 -6.88 10.69
N TYR A 134 11.98 -7.25 10.13
N TYR A 134 11.99 -7.27 10.15
CA TYR A 134 13.14 -7.64 10.92
CA TYR A 134 13.14 -7.72 10.99
C TYR A 134 14.24 -6.57 11.06
C TYR A 134 14.07 -6.53 11.43
N GLY A 135 13.80 -5.34 10.90
CA GLY A 135 14.61 -4.16 11.25
C GLY A 135 14.07 -3.36 12.39
N ASN A 136 14.43 -2.09 12.38
CA ASN A 136 14.14 -1.14 13.56
C ASN A 136 13.34 0.07 13.25
N ASP A 137 13.10 0.96 14.23
CA ASP A 137 12.27 2.15 14.08
C ASP A 137 12.78 3.00 12.92
N ALA A 138 14.07 3.16 12.72
CA ALA A 138 14.56 4.02 11.59
C ALA A 138 14.15 3.36 10.20
N ASP A 139 13.99 2.05 10.12
CA ASP A 139 13.62 1.43 8.89
C ASP A 139 12.12 1.73 8.65
N PHE A 140 11.33 1.80 9.68
CA PHE A 140 9.94 2.23 9.55
C PHE A 140 9.87 3.64 9.09
N GLU A 141 10.68 4.50 9.63
CA GLU A 141 10.69 5.86 9.20
C GLU A 141 11.01 6.06 7.71
N THR A 142 12.06 5.33 7.22
CA THR A 142 12.41 5.32 5.79
C THR A 142 11.08 5.04 5.00
N VAL A 143 10.43 3.88 5.27
CA VAL A 143 9.31 3.41 4.53
C VAL A 143 8.27 4.60 4.51
N TYR A 144 8.01 5.22 5.68
CA TYR A 144 7.05 6.35 5.76
C TYR A 144 7.51 7.48 4.79
N GLN A 145 8.77 7.87 4.73
CA GLN A 145 9.20 8.96 3.88
C GLN A 145 9.06 8.58 2.40
N GLN A 146 9.44 7.33 2.05
CA GLN A 146 9.24 6.83 0.67
C GLN A 146 7.74 6.93 0.28
N CYS A 147 6.86 6.45 1.17
CA CYS A 147 5.45 6.55 0.98
C CYS A 147 4.93 8.02 0.68
N VAL A 148 5.33 9.00 1.51
CA VAL A 148 5.03 10.36 1.28
C VAL A 148 5.47 10.91 -0.06
N ARG A 149 6.70 10.60 -0.45
CA ARG A 149 7.19 11.07 -1.77
C ARG A 149 6.41 10.52 -2.93
N CYS A 150 6.14 9.22 -2.87
CA CYS A 150 5.61 8.53 -3.96
C CYS A 150 4.10 8.81 -4.05
N CYS A 151 3.44 8.82 -2.94
CA CYS A 151 1.92 9.13 -2.98
C CYS A 151 1.66 10.55 -3.48
N ARG A 152 2.48 11.53 -3.10
CA ARG A 152 2.36 12.83 -3.59
C ARG A 152 2.52 12.95 -5.09
N ALA A 153 3.52 12.27 -5.62
CA ALA A 153 3.75 12.20 -7.06
C ALA A 153 2.64 11.47 -7.90
N PHE A 154 2.17 10.36 -7.29
CA PHE A 154 1.08 9.58 -7.91
C PHE A 154 -0.18 10.46 -8.01
N LEU A 155 -0.49 11.18 -6.93
CA LEU A 155 -1.72 11.94 -6.88
C LEU A 155 -1.51 13.05 -7.86
N GLU A 156 -0.33 13.67 -7.94
CA GLU A 156 -0.19 14.72 -8.97
C GLU A 156 -0.55 14.19 -10.33
N LYS A 157 -0.14 13.00 -10.62
CA LYS A 157 -0.22 12.50 -11.95
C LYS A 157 -1.59 11.95 -12.33
N VAL A 158 -2.37 11.47 -11.36
CA VAL A 158 -3.66 10.93 -11.72
C VAL A 158 -4.91 11.68 -11.13
N ARG A 159 -4.72 12.71 -10.34
CA ARG A 159 -5.84 13.42 -9.73
C ARG A 159 -6.86 13.96 -10.79
V VO4 B . 4.34 -5.83 4.96
O1 VO4 B . 5.52 -4.47 5.16
O2 VO4 B . 3.31 -6.21 6.46
O3 VO4 B . 4.92 -7.34 3.97
C24 6LJ C . 1.32 -17.48 10.65
C24 6LJ C . 9.04 -19.94 6.20
C23 6LJ C . 1.50 -16.63 11.78
C23 6LJ C . 9.82 -20.09 7.39
C22 6LJ C . 2.98 -16.28 12.00
C22 6LJ C . 9.74 -18.87 8.36
C12 6LJ C . 10.39 -11.48 5.77
C12 6LJ C . 10.43 -11.21 5.83
C5 6LJ C . 6.68 -11.09 7.83
C5 6LJ C . 6.70 -11.10 7.86
C2 6LJ C . 9.03 -11.34 6.51
C2 6LJ C . 9.07 -11.15 6.56
C1 6LJ C . 8.63 -12.34 7.39
C1 6LJ C . 8.75 -12.19 7.40
C4 6LJ C . 7.11 -10.11 6.99
C4 6LJ C . 7.08 -10.07 7.02
C6 6LJ C . 7.43 -12.23 8.11
C6 6LJ C . 7.56 -12.22 8.11
C7 6LJ C . 6.28 -8.96 6.74
C7 6LJ C . 6.20 -8.95 6.77
C8 6LJ C . 5.08 -8.89 7.39
C8 6LJ C . 4.98 -8.94 7.39
C25 6LJ C . 1.72 -16.77 9.47
C25 6LJ C . 9.49 -18.75 5.57
C26 6LJ C . 3.08 -16.09 9.55
C26 6LJ C . 9.47 -17.50 6.48
C27 6LJ C . 10.05 -13.93 4.97
C27 6LJ C . 10.01 -13.56 4.85
C9 6LJ C . 4.69 -9.87 8.26
C9 6LJ C . 4.63 -9.95 8.23
C10 6LJ C . 5.46 -10.95 8.50
C10 6LJ C . 5.45 -11.00 8.50
C13 6LJ C . 5.60 -13.85 8.86
C13 6LJ C . 8.22 -14.42 9.27
C14 6LJ C . 4.71 -13.88 10.11
C14 6LJ C . 8.10 -15.61 8.30
C15 6LJ C . 4.65 -15.20 10.90
C15 6LJ C . 9.09 -16.75 8.59
C17 6LJ C . 10.80 -12.61 5.11
C17 6LJ C . 10.79 -12.28 5.07
C18 6LJ C . 12.05 -12.66 4.52
C18 6LJ C . 12.04 -12.31 4.47
C19 6LJ C . 12.89 -11.58 4.52
C19 6LJ C . 12.90 -11.25 4.57
C20 6LJ C . 12.48 -10.44 5.15
C20 6LJ C . 12.52 -10.17 5.29
C21 6LJ C . 11.27 -10.41 5.79
C21 6LJ C . 11.32 -10.16 5.95
N28 6LJ C . 9.50 -14.92 4.88
N28 6LJ C . 9.44 -14.53 4.65
N11 6LJ C . 6.90 -13.20 9.07
N11 6LJ C . 7.25 -13.32 9.01
N16 6LJ C . 3.50 -15.60 10.84
N16 6LJ C . 9.00 -17.74 7.82
N3 6LJ C . 8.27 -10.25 6.33
N3 6LJ C . 8.23 -10.11 6.39
#